data_7WZ9
#
_entry.id   7WZ9
#
_cell.length_a   187.900
_cell.length_b   38.530
_cell.length_c   95.620
_cell.angle_alpha   90.000
_cell.angle_beta   105.400
_cell.angle_gamma   90.000
#
_symmetry.space_group_name_H-M   'C 1 2 1'
#
loop_
_entity.id
_entity.type
_entity.pdbx_description
1 polymer 'Serum albumin'
2 non-polymer 'PALMITIC ACID'
3 non-polymer 16-chloranyl-~{N},~{N}-dimethyl-15-thia-1$l^{4},12$l^{4},13-triaza-16$l^{4}-indatetracyclo[8.6.0.0^{2,7}.0^{12,16}]hexadeca-1,3,5,7,9,11,13-heptaen-14-amine
#
_entity_poly.entity_id   1
_entity_poly.type   'polypeptide(L)'
_entity_poly.pdbx_seq_one_letter_code
;HKSEVAHRFKDLGEENFKALVLIAFAQYLQQCPFEDHVKLVNEVTEFAKTCVADESAENCDKSLHTLFGDKLCTVATLRE
TYGEMADCCAKQEPERNECFLQHKDDNPNLPRLVRPEVDVMCTAFHDNEETFLKKYLYEIARRHPYFYAPELLFFAKRYK
AAFTECCQAADKAACLLPKLDELRDEGKASSAKQRLKCASLQKFGERAFKAWAVARLSQRFPKAEFAEVSKLVTDLTKVH
TECCHGDLLECADDRADLAKYICENQDSISSKLKECCEKPLLEKSHCIAEVENDEMPADLPSLAADFVESKDVCKNYAEA
KDVFLGMFLYEYARRHPDYSVVLLLRLAKTYETTLEKCCAAADPHECYAKVFDEFKPLVEEPQNLIKQNCELFEQLGEYK
FQNALLVRYTKKVPQVSTPTLVEVSRNLGKVGSKCCKHPEAKRMPCAEDYLSVVLNQLCVLHEKTPVSDRVTKCCTESLV
NRRPCFSALEVDETYVPKEFNAETFTFHADICTLSEKERQIKKQTALVELVKHKPKATKEQLKAVMDDFAAFVEKCCKAD
DKETCFAEEGKKLVAASQAAL
;
_entity_poly.pdbx_strand_id   A
#
loop_
_chem_comp.id
_chem_comp.type
_chem_comp.name
_chem_comp.formula
7Q8 non-polymer 16-chloranyl-~{N},~{N}-dimethyl-15-thia-1$l^{4},12$l^{4},13-triaza-16$l^{4}-indatetracyclo[8.6.0.0^{2,7}.0^{12,16}]hexadeca-1,3,5,7,9,11,13-heptaen-14-amine 'C13 H13 Cl In N4 S'
PLM non-polymer 'PALMITIC ACID' 'C16 H32 O2'
#
# COMPACT_ATOMS: atom_id res chain seq x y z
N HIS A 1 23.66 -9.74 28.91
CA HIS A 1 23.76 -9.26 27.48
C HIS A 1 25.13 -9.66 26.90
N LYS A 2 25.40 -10.96 26.95
CA LYS A 2 26.71 -11.51 26.56
C LYS A 2 26.94 -11.60 25.03
N SER A 3 25.86 -11.79 24.27
CA SER A 3 25.94 -12.30 22.91
C SER A 3 24.68 -11.88 22.16
N GLU A 4 24.81 -11.25 20.99
CA GLU A 4 23.60 -10.70 20.29
C GLU A 4 22.86 -11.81 19.58
N VAL A 5 23.61 -12.73 18.97
CA VAL A 5 23.05 -14.00 18.47
C VAL A 5 22.24 -14.78 19.51
N ALA A 6 22.82 -15.00 20.69
CA ALA A 6 22.17 -15.75 21.75
C ALA A 6 20.86 -15.09 22.23
N HIS A 7 20.91 -13.76 22.33
CA HIS A 7 19.80 -12.93 22.76
C HIS A 7 18.73 -13.07 21.68
N ARG A 8 19.11 -12.89 20.42
CA ARG A 8 18.13 -12.86 19.34
C ARG A 8 17.52 -14.23 19.13
N PHE A 9 18.25 -15.30 19.49
CA PHE A 9 17.74 -16.69 19.42
C PHE A 9 16.81 -17.02 20.56
N LYS A 10 17.20 -16.58 21.76
CA LYS A 10 16.31 -16.66 22.91
C LYS A 10 15.07 -15.81 22.67
N ASP A 11 15.25 -14.54 22.34
CA ASP A 11 14.14 -13.64 22.02
C ASP A 11 13.14 -14.26 21.02
N LEU A 12 13.65 -14.91 19.98
CA LEU A 12 12.82 -15.26 18.81
C LEU A 12 12.23 -16.65 18.85
N GLY A 13 12.96 -17.63 19.39
CA GLY A 13 12.64 -19.03 19.17
C GLY A 13 13.38 -19.56 17.95
N GLU A 14 13.76 -20.84 17.97
CA GLU A 14 14.47 -21.44 16.84
C GLU A 14 13.69 -21.25 15.56
N GLU A 15 12.45 -21.67 15.58
CA GLU A 15 11.65 -21.68 14.36
C GLU A 15 11.52 -20.31 13.71
N ASN A 16 11.45 -19.25 14.51
CA ASN A 16 11.42 -17.90 13.94
C ASN A 16 12.77 -17.40 13.48
N PHE A 17 13.76 -17.54 14.33
CA PHE A 17 15.13 -17.20 14.00
C PHE A 17 15.36 -17.76 12.62
N LYS A 18 15.15 -19.07 12.49
CA LYS A 18 15.40 -19.81 11.23
C LYS A 18 14.76 -19.15 10.03
N ALA A 19 13.50 -18.76 10.19
CA ALA A 19 12.76 -18.06 9.15
C ALA A 19 13.41 -16.73 8.82
N LEU A 20 13.89 -16.02 9.84
CA LEU A 20 14.35 -14.66 9.63
C LEU A 20 15.72 -14.66 9.05
N VAL A 21 16.59 -15.51 9.59
CA VAL A 21 17.85 -15.79 8.96
C VAL A 21 17.66 -16.04 7.45
N LEU A 22 16.72 -16.93 7.10
CA LEU A 22 16.48 -17.24 5.70
C LEU A 22 16.08 -16.01 4.89
N ILE A 23 15.15 -15.22 5.42
CA ILE A 23 14.70 -14.04 4.71
C ILE A 23 15.83 -13.02 4.59
N ALA A 24 16.60 -12.85 5.66
CA ALA A 24 17.80 -11.98 5.61
C ALA A 24 18.70 -12.36 4.45
N PHE A 25 19.19 -13.59 4.45
CA PHE A 25 20.13 -14.06 3.42
C PHE A 25 19.59 -13.98 2.00
N ALA A 26 18.35 -14.45 1.85
CA ALA A 26 17.63 -14.35 0.58
C ALA A 26 17.55 -12.94 0.05
N GLN A 27 17.50 -11.93 0.94
CA GLN A 27 17.43 -10.55 0.48
C GLN A 27 18.80 -10.03 -0.04
N TYR A 28 19.89 -10.36 0.63
CA TYR A 28 21.21 -9.91 0.18
C TYR A 28 21.72 -10.71 -1.04
N LEU A 29 21.43 -12.01 -1.10
CA LEU A 29 22.00 -12.92 -2.13
C LEU A 29 20.97 -13.50 -3.10
N GLN A 30 20.39 -12.61 -3.90
CA GLN A 30 19.19 -12.98 -4.64
C GLN A 30 19.41 -13.96 -5.79
N GLN A 31 20.64 -14.22 -6.25
CA GLN A 31 20.88 -15.19 -7.38
C GLN A 31 21.47 -16.53 -6.92
N CYS A 32 21.26 -16.90 -5.66
CA CYS A 32 21.73 -18.16 -5.15
C CYS A 32 20.49 -19.09 -4.95
N PRO A 33 20.71 -20.41 -5.03
CA PRO A 33 19.57 -21.28 -4.99
C PRO A 33 19.11 -21.57 -3.56
N PHE A 34 17.80 -21.73 -3.39
CA PHE A 34 17.20 -22.06 -2.11
C PHE A 34 18.03 -23.05 -1.30
N GLU A 35 18.49 -24.13 -1.90
CA GLU A 35 19.22 -25.14 -1.10
C GLU A 35 20.52 -24.59 -0.48
N ASP A 36 21.13 -23.57 -1.13
CA ASP A 36 22.32 -22.88 -0.59
C ASP A 36 22.05 -22.18 0.73
N HIS A 37 20.96 -21.43 0.76
CA HIS A 37 20.52 -20.77 2.01
C HIS A 37 20.12 -21.74 3.12
N VAL A 38 19.48 -22.86 2.80
CA VAL A 38 19.21 -23.81 3.85
C VAL A 38 20.54 -24.13 4.50
N LYS A 39 21.59 -24.28 3.67
CA LYS A 39 22.93 -24.59 4.20
C LYS A 39 23.41 -23.46 5.13
N LEU A 40 23.32 -22.22 4.65
CA LEU A 40 23.68 -21.04 5.48
C LEU A 40 22.95 -21.04 6.79
N VAL A 41 21.61 -21.03 6.69
CA VAL A 41 20.68 -20.88 7.79
C VAL A 41 20.99 -21.84 8.86
N ASN A 42 21.13 -23.12 8.48
CA ASN A 42 21.39 -24.16 9.45
C ASN A 42 22.78 -24.02 10.01
N GLU A 43 23.74 -23.57 9.18
CA GLU A 43 25.09 -23.29 9.69
C GLU A 43 25.09 -22.22 10.76
N VAL A 44 24.32 -21.15 10.54
CA VAL A 44 24.10 -20.07 11.52
C VAL A 44 23.36 -20.61 12.77
N THR A 45 22.18 -21.23 12.60
CA THR A 45 21.45 -21.87 13.70
C THR A 45 22.32 -22.81 14.53
N GLU A 46 23.06 -23.71 13.86
CA GLU A 46 23.91 -24.64 14.59
C GLU A 46 24.83 -23.79 15.46
N PHE A 47 25.47 -22.79 14.86
CA PHE A 47 26.34 -21.83 15.58
C PHE A 47 25.62 -21.12 16.73
N ALA A 48 24.44 -20.57 16.43
CA ALA A 48 23.62 -19.86 17.41
C ALA A 48 23.28 -20.66 18.66
N LYS A 49 23.29 -21.99 18.57
CA LYS A 49 22.95 -22.82 19.72
C LYS A 49 24.13 -22.99 20.63
N THR A 50 25.33 -22.92 20.06
CA THR A 50 26.58 -22.89 20.82
C THR A 50 26.53 -21.81 21.84
N CYS A 51 26.21 -20.60 21.38
CA CYS A 51 26.25 -19.39 22.19
C CYS A 51 25.13 -19.38 23.23
N VAL A 52 23.93 -19.82 22.85
CA VAL A 52 22.86 -20.06 23.83
C VAL A 52 23.33 -20.96 25.00
N ALA A 53 24.13 -21.97 24.69
CA ALA A 53 24.68 -22.87 25.68
C ALA A 53 25.78 -22.22 26.52
N ASP A 54 26.58 -21.35 25.88
CA ASP A 54 27.77 -20.74 26.51
C ASP A 54 28.19 -19.49 25.74
N GLU A 55 27.64 -18.34 26.17
CA GLU A 55 27.90 -17.07 25.48
C GLU A 55 29.38 -16.69 25.42
N SER A 56 30.21 -17.34 26.26
CA SER A 56 31.68 -17.25 26.12
C SER A 56 32.28 -17.96 24.90
N ALA A 57 31.60 -18.93 24.28
CA ALA A 57 32.22 -19.72 23.20
C ALA A 57 32.63 -18.92 21.95
N GLU A 58 33.52 -19.50 21.15
CA GLU A 58 34.04 -18.87 19.93
C GLU A 58 33.03 -17.94 19.25
N ASN A 59 33.50 -16.74 18.94
CA ASN A 59 32.78 -15.77 18.12
C ASN A 59 31.45 -15.27 18.66
N CYS A 60 30.98 -15.79 19.79
CA CYS A 60 29.65 -15.42 20.28
C CYS A 60 29.56 -13.93 20.59
N ASP A 61 30.69 -13.39 21.05
CA ASP A 61 30.84 -11.98 21.34
C ASP A 61 30.61 -11.10 20.11
N LYS A 62 30.96 -11.61 18.93
CA LYS A 62 30.83 -10.88 17.67
C LYS A 62 29.43 -10.35 17.41
N SER A 63 29.36 -9.33 16.55
CA SER A 63 28.11 -8.62 16.24
C SER A 63 27.35 -9.33 15.12
N LEU A 64 26.01 -9.35 15.24
CA LEU A 64 25.21 -9.90 14.17
C LEU A 64 25.63 -9.26 12.87
N HIS A 65 25.68 -7.93 12.81
CA HIS A 65 26.20 -7.26 11.61
C HIS A 65 27.52 -7.90 11.17
N THR A 66 28.41 -8.22 12.10
CA THR A 66 29.72 -8.78 11.70
C THR A 66 29.67 -10.24 11.28
N LEU A 67 28.84 -11.04 11.96
CA LEU A 67 28.64 -12.47 11.61
C LEU A 67 27.83 -12.69 10.32
N PHE A 68 26.91 -11.79 10.02
CA PHE A 68 26.20 -11.81 8.75
C PHE A 68 27.14 -11.44 7.61
N GLY A 69 28.01 -10.48 7.88
CA GLY A 69 28.99 -10.08 6.92
C GLY A 69 29.88 -11.26 6.66
N ASP A 70 30.46 -11.82 7.71
CA ASP A 70 31.43 -12.92 7.56
C ASP A 70 30.81 -14.09 6.79
N LYS A 71 29.54 -14.39 7.08
CA LYS A 71 28.84 -15.46 6.35
C LYS A 71 28.81 -15.19 4.86
N LEU A 72 28.19 -14.07 4.44
CA LEU A 72 28.20 -13.59 3.04
C LEU A 72 29.54 -13.75 2.31
N CYS A 73 30.61 -13.39 3.01
CA CYS A 73 31.94 -13.32 2.42
C CYS A 73 32.66 -14.65 2.38
N THR A 74 32.01 -15.72 2.87
CA THR A 74 32.46 -17.10 2.67
C THR A 74 31.67 -17.83 1.60
N VAL A 75 30.76 -17.15 0.90
CA VAL A 75 30.24 -17.70 -0.37
C VAL A 75 31.34 -17.59 -1.44
N ALA A 76 31.69 -18.73 -2.02
CA ALA A 76 32.84 -18.83 -2.89
C ALA A 76 32.54 -18.25 -4.28
N THR A 77 31.35 -18.60 -4.80
CA THR A 77 30.93 -18.18 -6.11
C THR A 77 30.46 -16.71 -6.05
N LEU A 78 30.92 -15.96 -5.04
CA LEU A 78 30.37 -14.64 -4.73
C LEU A 78 30.85 -13.59 -5.72
N ARG A 79 32.14 -13.61 -6.03
CA ARG A 79 32.68 -12.73 -7.07
C ARG A 79 32.12 -13.16 -8.44
N GLU A 80 32.15 -14.46 -8.73
CA GLU A 80 31.61 -14.94 -10.01
C GLU A 80 30.19 -14.35 -10.19
N THR A 81 29.29 -14.69 -9.28
CA THR A 81 27.87 -14.35 -9.41
C THR A 81 27.56 -12.84 -9.31
N TYR A 82 28.16 -12.17 -8.32
CA TYR A 82 27.78 -10.79 -7.93
C TYR A 82 28.79 -9.72 -8.32
N GLY A 83 30.08 -10.01 -8.20
CA GLY A 83 31.12 -9.09 -8.71
C GLY A 83 31.41 -7.97 -7.73
N GLU A 84 30.93 -6.76 -8.01
CA GLU A 84 31.16 -5.57 -7.15
C GLU A 84 31.00 -6.00 -5.68
N MET A 85 29.82 -6.53 -5.31
CA MET A 85 29.52 -6.91 -3.94
C MET A 85 30.70 -7.52 -3.19
N ALA A 86 31.33 -8.52 -3.80
CA ALA A 86 32.53 -9.16 -3.25
C ALA A 86 33.54 -8.17 -2.76
N ASP A 87 33.76 -7.12 -3.54
CA ASP A 87 34.72 -6.07 -3.16
C ASP A 87 34.42 -5.49 -1.73
N CYS A 88 33.13 -5.35 -1.35
CA CYS A 88 32.74 -5.04 0.02
C CYS A 88 33.46 -5.84 1.08
N CYS A 89 33.71 -7.10 0.82
CA CYS A 89 34.30 -7.97 1.82
C CYS A 89 35.64 -7.48 2.32
N ALA A 90 36.39 -6.83 1.42
CA ALA A 90 37.66 -6.15 1.76
C ALA A 90 37.60 -4.98 2.78
N LYS A 91 36.41 -4.47 3.09
CA LYS A 91 36.23 -3.47 4.15
C LYS A 91 36.14 -4.13 5.54
N GLN A 92 36.70 -3.48 6.57
CA GLN A 92 36.45 -3.84 7.97
C GLN A 92 35.11 -3.18 8.34
N GLU A 93 34.46 -3.70 9.37
CA GLU A 93 32.99 -3.73 9.43
C GLU A 93 32.28 -2.44 9.05
N PRO A 94 32.11 -1.48 9.98
CA PRO A 94 30.98 -0.48 9.88
C PRO A 94 30.56 -0.07 8.44
N GLU A 95 31.58 0.13 7.61
CA GLU A 95 31.46 0.44 6.18
C GLU A 95 30.94 -0.77 5.38
N ARG A 96 31.52 -1.94 5.67
CA ARG A 96 31.15 -3.17 4.99
C ARG A 96 29.65 -3.41 5.04
N ASN A 97 29.02 -3.27 6.18
CA ASN A 97 27.56 -3.45 6.21
C ASN A 97 26.89 -2.45 5.29
N GLU A 98 27.34 -1.18 5.35
CA GLU A 98 26.84 -0.17 4.42
C GLU A 98 26.99 -0.65 2.98
N CYS A 99 28.19 -1.11 2.63
CA CYS A 99 28.50 -1.59 1.26
C CYS A 99 27.62 -2.74 0.76
N PHE A 100 27.18 -3.64 1.65
CA PHE A 100 26.18 -4.67 1.30
C PHE A 100 24.80 -4.07 1.07
N LEU A 101 24.36 -3.16 1.95
CA LEU A 101 23.14 -2.37 1.73
C LEU A 101 23.13 -1.59 0.45
N GLN A 102 24.28 -1.00 0.12
CA GLN A 102 24.42 -0.18 -1.10
C GLN A 102 24.18 -1.04 -2.33
N HIS A 103 24.74 -2.25 -2.31
CA HIS A 103 24.83 -3.09 -3.48
C HIS A 103 23.76 -4.22 -3.45
N LYS A 104 22.67 -3.99 -2.72
CA LYS A 104 21.44 -4.78 -2.88
C LYS A 104 20.82 -4.30 -4.20
N ASP A 105 20.14 -5.22 -4.91
CA ASP A 105 19.35 -4.88 -6.08
C ASP A 105 17.83 -4.93 -5.76
N ASP A 106 17.16 -3.77 -5.76
CA ASP A 106 15.69 -3.70 -5.65
C ASP A 106 15.18 -3.91 -7.04
N ASN A 107 14.26 -4.85 -7.21
CA ASN A 107 13.68 -5.14 -8.53
C ASN A 107 14.70 -5.77 -9.51
N PRO A 108 15.13 -7.04 -9.26
CA PRO A 108 16.02 -7.73 -10.21
C PRO A 108 15.32 -8.13 -11.53
N ASN A 109 16.03 -8.86 -12.39
CA ASN A 109 15.42 -9.51 -13.55
C ASN A 109 15.25 -10.99 -13.17
N LEU A 110 14.04 -11.33 -12.72
CA LEU A 110 13.67 -12.69 -12.27
C LEU A 110 12.31 -13.08 -12.86
N PRO A 111 12.13 -14.36 -13.22
CA PRO A 111 10.87 -14.77 -13.86
C PRO A 111 9.72 -14.52 -12.93
N ARG A 112 8.54 -14.20 -13.46
CA ARG A 112 7.35 -14.05 -12.60
C ARG A 112 7.13 -15.41 -11.93
N LEU A 113 6.93 -15.44 -10.61
CA LEU A 113 6.43 -16.64 -9.92
C LEU A 113 5.08 -17.11 -10.41
N VAL A 114 5.05 -18.33 -10.93
CA VAL A 114 3.80 -18.95 -11.39
C VAL A 114 3.11 -19.56 -10.17
N ARG A 115 1.80 -19.29 -10.07
CA ARG A 115 0.94 -20.03 -9.16
C ARG A 115 0.59 -21.41 -9.79
N PRO A 116 0.86 -22.51 -9.07
CA PRO A 116 0.46 -23.78 -9.66
C PRO A 116 -1.03 -24.09 -9.58
N GLU A 117 -1.38 -25.26 -10.15
CA GLU A 117 -2.70 -25.82 -10.01
C GLU A 117 -2.89 -26.07 -8.52
N VAL A 118 -4.05 -25.66 -8.02
CA VAL A 118 -4.45 -25.87 -6.63
C VAL A 118 -3.97 -27.19 -6.06
N ASP A 119 -4.18 -28.25 -6.83
CA ASP A 119 -3.95 -29.62 -6.37
C ASP A 119 -2.46 -29.89 -6.16
N VAL A 120 -1.62 -29.27 -7.00
CA VAL A 120 -0.14 -29.35 -6.86
C VAL A 120 0.35 -28.81 -5.51
N MET A 121 -0.22 -27.65 -5.16
CA MET A 121 0.08 -27.00 -3.88
C MET A 121 -0.28 -27.94 -2.71
N CYS A 122 -1.57 -28.21 -2.55
CA CYS A 122 -2.06 -29.02 -1.45
C CYS A 122 -1.32 -30.30 -1.35
N THR A 123 -1.08 -30.92 -2.50
CA THR A 123 -0.30 -32.14 -2.48
C THR A 123 1.08 -31.86 -1.89
N ALA A 124 1.81 -30.90 -2.47
CA ALA A 124 3.21 -30.65 -2.06
C ALA A 124 3.32 -30.28 -0.58
N PHE A 125 2.35 -29.46 -0.17
CA PHE A 125 2.16 -28.99 1.19
C PHE A 125 1.95 -30.14 2.13
N HIS A 126 1.13 -31.10 1.74
CA HIS A 126 0.99 -32.34 2.49
C HIS A 126 2.34 -33.02 2.45
N ASP A 127 2.79 -33.39 1.25
CA ASP A 127 3.98 -34.20 1.11
C ASP A 127 5.16 -33.72 1.95
N ASN A 128 5.36 -32.42 2.05
CA ASN A 128 6.54 -31.92 2.73
C ASN A 128 6.36 -30.45 3.07
N GLU A 129 5.72 -30.21 4.19
CA GLU A 129 5.13 -28.90 4.51
C GLU A 129 6.12 -27.75 4.64
N GLU A 130 7.20 -27.99 5.40
CA GLU A 130 8.19 -26.93 5.63
C GLU A 130 8.94 -26.61 4.34
N THR A 131 9.49 -27.62 3.68
CA THR A 131 10.22 -27.32 2.45
C THR A 131 9.31 -26.56 1.46
N PHE A 132 8.02 -26.89 1.43
CA PHE A 132 7.04 -26.14 0.62
C PHE A 132 6.99 -24.64 0.95
N LEU A 133 6.88 -24.33 2.24
CA LEU A 133 6.61 -22.96 2.64
C LEU A 133 7.85 -22.06 2.54
N LYS A 134 8.97 -22.58 3.03
CA LYS A 134 10.24 -21.86 3.03
C LYS A 134 10.68 -21.62 1.62
N LYS A 135 10.51 -22.61 0.73
CA LYS A 135 10.83 -22.43 -0.67
C LYS A 135 10.19 -21.15 -1.13
N TYR A 136 8.91 -21.01 -0.88
CA TYR A 136 8.21 -19.86 -1.42
C TYR A 136 8.50 -18.61 -0.65
N LEU A 137 8.83 -18.73 0.62
CA LEU A 137 9.31 -17.60 1.42
C LEU A 137 10.59 -17.04 0.78
N TYR A 138 11.46 -17.97 0.37
CA TYR A 138 12.71 -17.67 -0.31
C TYR A 138 12.52 -16.89 -1.60
N GLU A 139 11.47 -17.22 -2.32
CA GLU A 139 11.18 -16.59 -3.58
C GLU A 139 10.59 -15.19 -3.40
N ILE A 140 9.74 -14.95 -2.38
CA ILE A 140 9.18 -13.59 -2.21
C ILE A 140 10.26 -12.70 -1.64
N ALA A 141 11.05 -13.27 -0.73
CA ALA A 141 12.18 -12.58 -0.17
C ALA A 141 13.04 -11.94 -1.26
N ARG A 142 13.67 -12.75 -2.11
CA ARG A 142 14.59 -12.25 -3.16
C ARG A 142 13.98 -11.22 -4.10
N ARG A 143 12.67 -11.31 -4.33
CA ARG A 143 11.95 -10.36 -5.16
C ARG A 143 11.64 -9.02 -4.45
N HIS A 144 11.69 -9.00 -3.12
CA HIS A 144 11.49 -7.80 -2.27
C HIS A 144 12.59 -7.64 -1.23
N PRO A 145 13.78 -7.18 -1.64
CA PRO A 145 14.86 -7.29 -0.65
C PRO A 145 14.81 -6.18 0.43
N TYR A 146 13.95 -5.17 0.25
CA TYR A 146 13.77 -4.05 1.18
C TYR A 146 12.47 -4.15 1.96
N PHE A 147 11.78 -5.29 1.91
CA PHE A 147 10.56 -5.46 2.68
C PHE A 147 10.98 -5.89 4.11
N TYR A 148 10.38 -5.26 5.11
CA TYR A 148 10.69 -5.57 6.51
C TYR A 148 10.47 -7.07 6.73
N ALA A 149 11.49 -7.74 7.20
CA ALA A 149 11.45 -9.19 7.17
C ALA A 149 10.35 -9.79 8.05
N PRO A 150 10.12 -9.27 9.25
CA PRO A 150 9.10 -9.91 10.04
C PRO A 150 7.67 -9.69 9.55
N GLU A 151 7.48 -8.65 8.75
CA GLU A 151 6.20 -8.42 8.12
C GLU A 151 5.96 -9.56 7.15
N LEU A 152 7.02 -9.90 6.42
CA LEU A 152 7.03 -10.99 5.42
C LEU A 152 6.74 -12.28 6.08
N LEU A 153 7.43 -12.51 7.19
CA LEU A 153 7.26 -13.66 8.04
C LEU A 153 5.83 -13.79 8.52
N PHE A 154 5.20 -12.67 8.85
CA PHE A 154 3.78 -12.64 9.22
C PHE A 154 2.86 -13.23 8.11
N PHE A 155 3.14 -12.94 6.83
CA PHE A 155 2.34 -13.46 5.68
C PHE A 155 2.51 -14.96 5.51
N ALA A 156 3.75 -15.46 5.52
CA ALA A 156 4.01 -16.92 5.50
C ALA A 156 3.05 -17.72 6.36
N LYS A 157 2.70 -17.16 7.52
CA LYS A 157 1.91 -17.84 8.54
C LYS A 157 0.41 -17.75 8.25
N ARG A 158 -0.01 -16.61 7.71
CA ARG A 158 -1.34 -16.51 7.13
C ARG A 158 -1.47 -17.40 5.89
N TYR A 159 -0.36 -17.53 5.16
CA TYR A 159 -0.25 -18.54 4.09
C TYR A 159 -0.41 -19.98 4.65
N LYS A 160 0.32 -20.32 5.71
CA LYS A 160 0.24 -21.66 6.28
C LYS A 160 -1.15 -21.94 6.74
N ALA A 161 -1.78 -20.92 7.30
CA ALA A 161 -3.18 -21.00 7.74
C ALA A 161 -4.14 -21.39 6.61
N ALA A 162 -4.01 -20.71 5.48
CA ALA A 162 -4.83 -20.99 4.31
C ALA A 162 -4.65 -22.38 3.67
N PHE A 163 -3.42 -22.90 3.60
CA PHE A 163 -3.27 -24.32 3.25
C PHE A 163 -3.94 -25.15 4.33
N THR A 164 -3.46 -25.10 5.57
CA THR A 164 -4.01 -25.95 6.65
C THR A 164 -5.54 -26.14 6.61
N GLU A 165 -6.27 -25.06 6.34
CA GLU A 165 -7.72 -25.07 6.23
C GLU A 165 -8.16 -25.85 4.95
N CYS A 166 -7.86 -25.30 3.75
CA CYS A 166 -8.46 -25.72 2.47
C CYS A 166 -7.96 -27.03 1.85
N CYS A 167 -6.72 -27.40 2.04
CA CYS A 167 -6.28 -28.69 1.55
C CYS A 167 -6.83 -29.85 2.39
N GLN A 168 -7.74 -29.56 3.34
CA GLN A 168 -8.58 -30.55 4.02
C GLN A 168 -10.05 -30.22 3.79
N ALA A 169 -10.36 -29.50 2.72
CA ALA A 169 -11.74 -29.08 2.41
C ALA A 169 -12.15 -29.63 1.05
N ALA A 170 -13.38 -30.14 0.94
CA ALA A 170 -13.78 -30.97 -0.22
C ALA A 170 -13.55 -30.24 -1.54
N ASP A 171 -13.96 -28.97 -1.55
CA ASP A 171 -13.78 -28.04 -2.69
C ASP A 171 -12.55 -27.09 -2.51
N LYS A 172 -11.34 -27.62 -2.72
CA LYS A 172 -10.08 -26.93 -2.36
C LYS A 172 -9.98 -25.55 -3.04
N ALA A 173 -10.02 -25.54 -4.35
CA ALA A 173 -9.99 -24.29 -5.09
C ALA A 173 -11.11 -23.28 -4.71
N ALA A 174 -12.29 -23.78 -4.33
CA ALA A 174 -13.36 -22.87 -3.90
C ALA A 174 -12.96 -22.10 -2.66
N CYS A 175 -12.21 -22.78 -1.78
CA CYS A 175 -11.72 -22.21 -0.52
C CYS A 175 -10.53 -21.28 -0.73
N LEU A 176 -9.53 -21.81 -1.38
CA LEU A 176 -8.16 -21.33 -1.31
C LEU A 176 -7.88 -20.14 -2.18
N LEU A 177 -8.45 -20.11 -3.37
CA LEU A 177 -8.11 -19.08 -4.35
C LEU A 177 -8.47 -17.70 -3.91
N PRO A 178 -9.66 -17.49 -3.33
CA PRO A 178 -9.90 -16.13 -2.83
C PRO A 178 -8.92 -15.79 -1.66
N LYS A 179 -8.73 -16.71 -0.72
CA LYS A 179 -7.78 -16.48 0.37
C LYS A 179 -6.45 -16.01 -0.21
N LEU A 180 -5.89 -16.76 -1.18
CA LEU A 180 -4.58 -16.42 -1.82
C LEU A 180 -4.60 -15.11 -2.64
N ASP A 181 -5.67 -14.86 -3.38
CA ASP A 181 -5.84 -13.58 -4.08
C ASP A 181 -5.82 -12.43 -3.07
N GLU A 182 -6.60 -12.54 -1.99
CA GLU A 182 -6.52 -11.61 -0.85
C GLU A 182 -5.06 -11.34 -0.47
N LEU A 183 -4.31 -12.40 -0.18
CA LEU A 183 -2.92 -12.25 0.24
C LEU A 183 -1.98 -11.66 -0.84
N ARG A 184 -2.10 -12.12 -2.08
CA ARG A 184 -1.39 -11.50 -3.23
C ARG A 184 -1.60 -10.00 -3.11
N ASP A 185 -2.88 -9.61 -3.12
CA ASP A 185 -3.29 -8.20 -3.16
C ASP A 185 -2.81 -7.46 -1.93
N GLU A 186 -3.04 -8.04 -0.74
CA GLU A 186 -2.60 -7.43 0.56
C GLU A 186 -1.08 -7.30 0.76
N GLY A 187 -0.29 -8.03 -0.01
CA GLY A 187 1.16 -7.88 0.01
C GLY A 187 1.72 -6.92 -1.00
N LYS A 188 1.14 -6.84 -2.20
CA LYS A 188 1.55 -5.80 -3.15
C LYS A 188 1.29 -4.45 -2.53
N ALA A 189 0.06 -4.29 -2.01
CA ALA A 189 -0.38 -3.14 -1.20
C ALA A 189 0.68 -2.72 -0.14
N SER A 190 0.93 -3.60 0.82
CA SER A 190 1.91 -3.40 1.88
C SER A 190 3.24 -3.00 1.26
N SER A 191 3.70 -3.74 0.26
CA SER A 191 5.07 -3.56 -0.28
C SER A 191 5.18 -2.29 -1.12
N ALA A 192 4.03 -1.71 -1.47
CA ALA A 192 4.01 -0.37 -2.04
C ALA A 192 4.05 0.67 -0.93
N LYS A 193 3.20 0.55 0.11
CA LYS A 193 3.07 1.58 1.20
C LYS A 193 4.44 1.98 1.74
N GLN A 194 5.29 0.99 1.99
CA GLN A 194 6.68 1.20 2.44
C GLN A 194 7.48 2.05 1.48
N ARG A 195 7.37 1.76 0.18
CA ARG A 195 8.07 2.49 -0.89
C ARG A 195 7.56 3.90 -1.01
N LEU A 196 6.26 4.08 -0.77
CA LEU A 196 5.66 5.40 -0.79
C LEU A 196 6.17 6.23 0.39
N LYS A 197 5.96 5.70 1.59
CA LYS A 197 6.35 6.36 2.84
C LYS A 197 7.78 6.83 2.87
N CYS A 198 8.70 6.00 2.38
CA CYS A 198 10.13 6.36 2.28
C CYS A 198 10.39 7.41 1.24
N ALA A 199 9.82 7.24 0.06
CA ALA A 199 9.93 8.24 -1.00
C ALA A 199 9.35 9.59 -0.56
N SER A 200 8.30 9.55 0.27
CA SER A 200 7.71 10.78 0.83
C SER A 200 8.66 11.49 1.75
N LEU A 201 9.42 10.73 2.52
CA LEU A 201 10.39 11.29 3.45
C LEU A 201 11.54 12.01 2.70
N GLN A 202 12.13 11.37 1.70
CA GLN A 202 13.23 11.95 0.94
C GLN A 202 12.80 13.20 0.16
N LYS A 203 11.75 13.09 -0.63
CA LYS A 203 11.30 14.22 -1.45
C LYS A 203 10.81 15.40 -0.59
N PHE A 204 9.83 15.14 0.29
CA PHE A 204 9.18 16.21 1.04
C PHE A 204 9.77 16.52 2.42
N GLY A 205 10.73 15.74 2.87
CA GLY A 205 11.44 16.09 4.08
C GLY A 205 10.74 15.70 5.37
N GLU A 206 11.56 15.69 6.41
CA GLU A 206 11.19 15.17 7.70
C GLU A 206 10.01 15.89 8.35
N ARG A 207 9.82 17.19 8.04
CA ARG A 207 8.78 18.04 8.64
C ARG A 207 7.40 17.46 8.38
N ALA A 208 7.09 17.41 7.09
CA ALA A 208 5.77 17.02 6.59
C ALA A 208 5.42 15.64 7.10
N PHE A 209 6.41 14.78 7.20
CA PHE A 209 6.21 13.47 7.75
C PHE A 209 5.68 13.53 9.19
N LYS A 210 6.32 14.35 10.00
CA LYS A 210 5.87 14.58 11.36
C LYS A 210 4.42 15.09 11.34
N ALA A 211 4.12 16.02 10.44
CA ALA A 211 2.77 16.54 10.27
C ALA A 211 1.76 15.43 10.06
N TRP A 212 2.12 14.53 9.16
CA TRP A 212 1.34 13.37 8.81
C TRP A 212 1.15 12.52 10.08
N ALA A 213 2.25 12.19 10.73
CA ALA A 213 2.17 11.24 11.85
C ALA A 213 1.35 11.78 12.98
N VAL A 214 1.45 13.09 13.20
CA VAL A 214 0.75 13.77 14.30
C VAL A 214 -0.73 13.60 14.08
N ALA A 215 -1.17 13.85 12.85
CA ALA A 215 -2.56 13.71 12.52
C ALA A 215 -3.00 12.27 12.76
N ARG A 216 -2.22 11.35 12.23
CA ARG A 216 -2.46 9.95 12.41
C ARG A 216 -2.51 9.56 13.89
N LEU A 217 -1.38 9.65 14.59
CA LEU A 217 -1.30 9.26 16.01
C LEU A 217 -2.35 9.87 16.92
N SER A 218 -2.83 11.07 16.55
CA SER A 218 -3.87 11.76 17.31
C SER A 218 -5.23 11.14 17.05
N GLN A 219 -5.50 10.81 15.78
CA GLN A 219 -6.66 9.98 15.43
C GLN A 219 -6.66 8.66 16.22
N ARG A 220 -5.50 8.06 16.44
CA ARG A 220 -5.44 6.75 17.12
C ARG A 220 -5.43 6.79 18.65
N PHE A 221 -4.79 7.80 19.23
CA PHE A 221 -4.62 7.89 20.69
C PHE A 221 -5.19 9.19 21.26
N PRO A 222 -6.49 9.44 21.03
CA PRO A 222 -7.07 10.74 21.35
C PRO A 222 -7.01 11.14 22.82
N LYS A 223 -7.04 10.17 23.74
CA LYS A 223 -6.90 10.46 25.18
C LYS A 223 -5.50 10.93 25.59
N ALA A 224 -4.47 10.75 24.75
CA ALA A 224 -3.10 11.14 25.12
C ALA A 224 -2.89 12.66 25.03
N GLU A 225 -1.92 13.15 25.81
CA GLU A 225 -1.56 14.57 25.87
C GLU A 225 -0.60 14.87 24.74
N PHE A 226 -0.73 16.07 24.15
CA PHE A 226 0.10 16.47 23.00
C PHE A 226 1.60 16.22 23.11
N ALA A 227 2.16 16.32 24.32
CA ALA A 227 3.59 15.97 24.53
C ALA A 227 3.85 14.50 24.24
N GLU A 228 2.93 13.65 24.71
CA GLU A 228 2.97 12.20 24.44
C GLU A 228 2.94 11.93 22.97
N VAL A 229 1.97 12.53 22.29
CA VAL A 229 1.93 12.46 20.83
C VAL A 229 3.25 12.96 20.27
N SER A 230 3.79 14.06 20.78
CA SER A 230 5.10 14.53 20.26
C SER A 230 6.24 13.54 20.49
N LYS A 231 6.29 12.99 21.70
CA LYS A 231 7.28 11.95 22.02
C LYS A 231 7.19 10.85 20.99
N LEU A 232 5.95 10.44 20.74
CA LEU A 232 5.66 9.33 19.84
C LEU A 232 6.03 9.68 18.42
N VAL A 233 5.45 10.76 17.90
CA VAL A 233 5.77 11.22 16.57
C VAL A 233 7.24 11.22 16.36
N THR A 234 7.99 11.73 17.33
CA THR A 234 9.45 11.92 17.16
C THR A 234 10.17 10.62 16.89
N ASP A 235 9.96 9.69 17.80
CA ASP A 235 10.63 8.40 17.76
C ASP A 235 10.18 7.60 16.59
N LEU A 236 8.89 7.69 16.33
CA LEU A 236 8.30 7.08 15.15
C LEU A 236 8.94 7.60 13.87
N THR A 237 9.31 8.88 13.83
CA THR A 237 9.93 9.51 12.66
C THR A 237 11.36 9.00 12.54
N LYS A 238 12.04 8.83 13.66
CA LYS A 238 13.35 8.17 13.63
C LYS A 238 13.17 6.80 12.97
N VAL A 239 12.20 6.05 13.45
CA VAL A 239 11.98 4.65 13.08
C VAL A 239 11.85 4.52 11.57
N HIS A 240 11.01 5.34 10.95
CA HIS A 240 10.88 5.30 9.49
C HIS A 240 12.16 5.71 8.79
N THR A 241 12.87 6.73 9.29
CA THR A 241 14.13 7.12 8.62
C THR A 241 15.13 5.96 8.65
N GLU A 242 15.21 5.22 9.76
CA GLU A 242 16.15 4.08 9.89
C GLU A 242 15.75 2.79 9.16
N CYS A 243 14.45 2.54 9.03
CA CYS A 243 13.95 1.31 8.41
C CYS A 243 14.02 1.45 6.92
N CYS A 244 13.72 2.65 6.42
CA CYS A 244 13.92 2.99 5.01
C CYS A 244 15.34 2.72 4.63
N HIS A 245 16.29 3.32 5.36
CA HIS A 245 17.71 3.14 5.08
C HIS A 245 18.11 1.67 4.86
N GLY A 246 17.32 0.73 5.39
CA GLY A 246 17.36 -0.67 4.98
C GLY A 246 18.08 -1.58 5.97
N ASP A 247 18.56 -1.02 7.09
CA ASP A 247 19.23 -1.86 8.08
C ASP A 247 18.12 -2.59 8.81
N LEU A 248 18.23 -3.92 8.84
CA LEU A 248 17.20 -4.78 9.43
C LEU A 248 17.22 -4.64 10.93
N LEU A 249 18.41 -4.82 11.49
CA LEU A 249 18.57 -4.78 12.94
C LEU A 249 18.32 -3.42 13.57
N GLU A 250 18.78 -2.35 12.94
CA GLU A 250 18.49 -1.02 13.44
C GLU A 250 16.99 -0.81 13.39
N CYS A 251 16.36 -1.19 12.26
CA CYS A 251 14.92 -1.03 12.09
C CYS A 251 14.14 -1.84 13.11
N ALA A 252 14.57 -3.09 13.26
CA ALA A 252 13.99 -4.00 14.22
C ALA A 252 14.13 -3.42 15.62
N ASP A 253 15.34 -3.14 16.05
CA ASP A 253 15.57 -2.84 17.45
C ASP A 253 14.85 -1.56 17.83
N ASP A 254 14.90 -0.58 16.91
CA ASP A 254 14.18 0.68 17.08
C ASP A 254 12.69 0.43 17.31
N ARG A 255 12.09 -0.34 16.40
CA ARG A 255 10.70 -0.72 16.53
C ARG A 255 10.43 -1.39 17.88
N ALA A 256 11.17 -2.44 18.23
CA ALA A 256 11.04 -3.09 19.53
C ALA A 256 10.92 -2.04 20.62
N ASP A 257 11.94 -1.18 20.73
CA ASP A 257 11.94 -0.06 21.70
C ASP A 257 10.55 0.54 21.83
N LEU A 258 10.03 0.99 20.70
CA LEU A 258 8.83 1.77 20.66
C LEU A 258 7.65 0.98 21.17
N ALA A 259 7.67 -0.33 20.97
CA ALA A 259 6.64 -1.18 21.50
C ALA A 259 6.74 -1.33 23.02
N LYS A 260 7.96 -1.48 23.54
CA LYS A 260 8.19 -1.44 25.01
C LYS A 260 7.56 -0.13 25.49
N TYR A 261 8.03 0.99 24.95
CA TYR A 261 7.55 2.27 25.43
C TYR A 261 6.05 2.26 25.44
N ILE A 262 5.41 1.90 24.35
CA ILE A 262 3.97 2.13 24.31
C ILE A 262 3.27 1.28 25.37
N CYS A 263 3.74 0.07 25.59
CA CYS A 263 3.08 -0.84 26.52
C CYS A 263 3.37 -0.51 28.00
N GLU A 264 4.59 -0.07 28.29
CA GLU A 264 4.94 0.46 29.60
C GLU A 264 4.13 1.72 29.96
N ASN A 265 4.03 2.67 29.04
CA ASN A 265 3.24 3.87 29.26
C ASN A 265 1.80 3.74 28.75
N GLN A 266 1.25 2.53 28.85
CA GLN A 266 -0.02 2.17 28.21
C GLN A 266 -1.22 3.05 28.58
N ASP A 267 -1.45 3.25 29.87
CA ASP A 267 -2.59 4.08 30.39
C ASP A 267 -2.62 5.50 29.85
N SER A 268 -1.44 6.10 29.68
CA SER A 268 -1.29 7.46 29.12
C SER A 268 -1.69 7.62 27.65
N ILE A 269 -1.82 6.50 26.93
CA ILE A 269 -1.88 6.51 25.47
C ILE A 269 -3.24 6.01 24.92
N SER A 270 -3.52 4.72 25.07
CA SER A 270 -4.79 4.15 24.61
C SER A 270 -5.28 2.94 25.43
N SER A 271 -6.59 2.96 25.69
CA SER A 271 -7.26 1.86 26.37
C SER A 271 -7.22 0.63 25.49
N LYS A 272 -7.45 0.85 24.19
CA LYS A 272 -7.63 -0.24 23.23
C LYS A 272 -6.33 -0.96 22.87
N LEU A 273 -5.47 -1.20 23.86
CA LEU A 273 -4.10 -1.64 23.65
C LEU A 273 -3.63 -2.87 24.45
N LYS A 274 -4.43 -3.36 25.39
CA LYS A 274 -4.00 -4.40 26.35
C LYS A 274 -3.58 -5.67 25.59
N GLU A 275 -4.59 -6.26 24.96
CA GLU A 275 -4.46 -7.18 23.83
C GLU A 275 -3.05 -7.19 23.25
N CYS A 276 -2.71 -6.16 22.47
CA CYS A 276 -1.51 -6.15 21.65
C CYS A 276 -0.27 -6.29 22.50
N CYS A 277 -0.34 -5.69 23.67
CA CYS A 277 0.82 -5.58 24.54
C CYS A 277 1.07 -6.88 25.28
N GLU A 278 0.08 -7.78 25.21
CA GLU A 278 0.23 -9.19 25.58
C GLU A 278 1.06 -10.00 24.55
N LYS A 279 0.85 -9.75 23.26
CA LYS A 279 1.45 -10.54 22.14
C LYS A 279 2.97 -10.50 22.15
N PRO A 280 3.62 -11.57 21.66
CA PRO A 280 5.06 -11.68 21.90
C PRO A 280 5.88 -10.87 20.93
N LEU A 281 7.16 -10.77 21.28
CA LEU A 281 8.09 -9.80 20.72
C LEU A 281 7.79 -9.36 19.30
N LEU A 282 7.65 -10.34 18.44
CA LEU A 282 7.64 -10.09 17.01
C LEU A 282 6.35 -9.45 16.60
N GLU A 283 5.26 -9.93 17.21
CA GLU A 283 3.89 -9.47 16.91
C GLU A 283 3.48 -8.13 17.53
N LYS A 284 4.08 -7.80 18.69
CA LYS A 284 3.85 -6.52 19.39
C LYS A 284 3.70 -5.33 18.44
N SER A 285 4.81 -4.90 17.85
CA SER A 285 4.81 -3.68 17.02
C SER A 285 3.96 -3.83 15.74
N HIS A 286 3.91 -5.02 15.18
CA HIS A 286 2.95 -5.23 14.11
C HIS A 286 1.53 -4.86 14.61
N CYS A 287 1.17 -5.43 15.78
CA CYS A 287 -0.18 -5.34 16.34
C CYS A 287 -0.51 -3.91 16.72
N ILE A 288 0.39 -3.30 17.47
CA ILE A 288 0.23 -1.91 17.87
C ILE A 288 -0.12 -1.08 16.65
N ALA A 289 0.67 -1.25 15.58
CA ALA A 289 0.51 -0.42 14.41
C ALA A 289 -0.72 -0.70 13.59
N GLU A 290 -1.40 -1.81 13.84
CA GLU A 290 -2.67 -2.15 13.16
C GLU A 290 -3.90 -1.65 13.91
N VAL A 291 -3.72 -1.29 15.18
CA VAL A 291 -4.81 -1.29 16.13
C VAL A 291 -5.85 -0.19 15.90
N GLU A 292 -7.05 -0.47 16.40
CA GLU A 292 -8.20 0.43 16.33
C GLU A 292 -7.92 1.80 16.97
N ASN A 293 -8.53 2.85 16.39
CA ASN A 293 -8.71 4.16 17.04
C ASN A 293 -9.43 4.01 18.37
N ASP A 294 -8.86 4.57 19.45
CA ASP A 294 -9.45 4.56 20.81
C ASP A 294 -10.65 5.50 20.81
N GLU A 295 -11.61 5.20 21.68
CA GLU A 295 -12.80 6.03 21.77
C GLU A 295 -12.43 7.43 22.33
N MET A 296 -13.05 8.47 21.76
CA MET A 296 -12.70 9.87 22.12
C MET A 296 -13.36 10.35 23.43
N PRO A 297 -12.64 11.20 24.21
CA PRO A 297 -13.18 11.85 25.41
C PRO A 297 -14.46 12.65 25.22
N ALA A 298 -15.44 12.40 26.09
CA ALA A 298 -16.76 13.01 25.98
C ALA A 298 -16.68 14.52 26.17
N ASP A 299 -15.95 14.93 27.21
CA ASP A 299 -15.87 16.32 27.65
C ASP A 299 -15.02 17.19 26.72
N LEU A 300 -15.41 17.37 25.44
CA LEU A 300 -14.48 17.95 24.47
C LEU A 300 -14.93 19.23 23.80
N PRO A 301 -14.23 20.37 24.11
CA PRO A 301 -14.46 21.71 23.56
C PRO A 301 -14.53 21.86 22.07
N SER A 302 -14.96 23.06 21.67
CA SER A 302 -14.55 23.64 20.40
C SER A 302 -13.05 23.93 20.49
N LEU A 303 -12.40 23.99 19.34
CA LEU A 303 -11.04 24.51 19.27
C LEU A 303 -10.99 25.99 19.46
N ALA A 304 -12.06 26.67 19.02
CA ALA A 304 -12.13 28.16 18.90
C ALA A 304 -11.54 29.03 20.04
N ALA A 305 -11.64 28.56 21.28
CA ALA A 305 -11.03 29.24 22.40
C ALA A 305 -9.57 29.51 22.11
N ASP A 306 -8.79 28.43 21.94
CA ASP A 306 -7.33 28.49 21.91
C ASP A 306 -6.77 28.89 20.53
N PHE A 307 -7.52 28.65 19.44
CA PHE A 307 -7.08 28.93 18.07
C PHE A 307 -7.81 30.03 17.27
N VAL A 308 -8.85 30.63 17.85
CA VAL A 308 -9.57 31.76 17.22
C VAL A 308 -9.78 32.97 18.14
N GLU A 309 -10.42 32.74 19.29
CA GLU A 309 -10.90 33.82 20.17
C GLU A 309 -9.91 34.28 21.25
N SER A 310 -8.94 33.43 21.61
CA SER A 310 -7.88 33.87 22.51
C SER A 310 -6.98 34.91 21.82
N LYS A 311 -6.50 35.87 22.60
CA LYS A 311 -5.32 36.67 22.24
C LYS A 311 -4.13 35.74 22.55
N ASP A 312 -2.91 36.29 22.60
CA ASP A 312 -1.71 35.45 22.80
C ASP A 312 -1.47 34.39 21.66
N VAL A 313 -2.28 34.41 20.59
CA VAL A 313 -2.27 33.39 19.52
C VAL A 313 -1.05 33.66 18.64
N CYS A 314 -0.99 34.84 18.02
CA CYS A 314 0.17 35.21 17.22
C CYS A 314 1.50 35.14 17.99
N LYS A 315 1.45 35.42 19.30
CA LYS A 315 2.59 35.23 20.17
C LYS A 315 2.85 33.73 20.28
N ASN A 316 1.82 32.94 20.61
CA ASN A 316 1.99 31.48 20.75
C ASN A 316 2.41 30.83 19.43
N TYR A 317 1.93 31.36 18.32
CA TYR A 317 2.32 30.87 17.02
C TYR A 317 3.79 31.18 16.81
N ALA A 318 4.17 32.45 16.92
CA ALA A 318 5.54 32.87 16.62
C ALA A 318 6.57 32.27 17.58
N GLU A 319 6.16 32.03 18.83
CA GLU A 319 7.04 31.42 19.85
C GLU A 319 7.58 30.10 19.37
N ALA A 320 6.71 29.33 18.71
CA ALA A 320 7.08 28.08 18.02
C ALA A 320 5.97 27.67 17.02
N LYS A 321 6.16 28.04 15.74
CA LYS A 321 5.12 27.89 14.71
C LYS A 321 4.76 26.43 14.45
N ASP A 322 5.78 25.62 14.21
CA ASP A 322 5.57 24.23 13.95
C ASP A 322 4.96 23.54 15.16
N VAL A 323 5.32 23.90 16.39
CA VAL A 323 4.67 23.26 17.55
C VAL A 323 3.24 23.72 17.73
N PHE A 324 2.96 24.98 17.40
CA PHE A 324 1.63 25.51 17.60
C PHE A 324 0.69 24.91 16.58
N LEU A 325 1.16 24.84 15.34
CA LEU A 325 0.38 24.18 14.31
C LEU A 325 0.25 22.69 14.62
N GLY A 326 1.28 22.12 15.22
CA GLY A 326 1.17 20.77 15.72
C GLY A 326 -0.08 20.66 16.57
N MET A 327 -0.16 21.57 17.55
CA MET A 327 -1.25 21.55 18.53
C MET A 327 -2.60 21.70 17.89
N PHE A 328 -2.71 22.64 16.95
CA PHE A 328 -3.91 22.71 16.12
C PHE A 328 -4.39 21.36 15.57
N LEU A 329 -3.45 20.67 14.88
CA LEU A 329 -3.69 19.38 14.24
C LEU A 329 -4.02 18.33 15.27
N TYR A 330 -3.22 18.24 16.32
CA TYR A 330 -3.57 17.29 17.41
C TYR A 330 -5.01 17.42 17.87
N GLU A 331 -5.39 18.67 18.15
CA GLU A 331 -6.71 18.95 18.65
C GLU A 331 -7.76 18.65 17.57
N TYR A 332 -7.51 19.06 16.31
CA TYR A 332 -8.47 18.79 15.20
C TYR A 332 -8.54 17.30 14.79
N ALA A 333 -7.40 16.62 14.68
CA ALA A 333 -7.35 15.20 14.31
C ALA A 333 -8.17 14.36 15.26
N ARG A 334 -7.88 14.40 16.57
CA ARG A 334 -8.55 13.53 17.58
C ARG A 334 -10.07 13.75 17.75
N ARG A 335 -10.54 14.89 17.29
CA ARG A 335 -11.95 15.13 17.25
C ARG A 335 -12.56 14.41 16.06
N HIS A 336 -11.74 14.06 15.05
CA HIS A 336 -12.20 13.56 13.74
C HIS A 336 -11.46 12.38 13.15
N PRO A 337 -11.67 11.17 13.70
CA PRO A 337 -11.16 9.94 13.07
C PRO A 337 -11.79 9.63 11.72
N ASP A 338 -12.99 10.18 11.49
CA ASP A 338 -13.69 10.07 10.21
C ASP A 338 -13.10 10.96 9.08
N TYR A 339 -12.07 11.73 9.35
CA TYR A 339 -11.40 12.47 8.31
C TYR A 339 -10.22 11.69 7.79
N SER A 340 -9.81 12.01 6.56
CA SER A 340 -8.58 11.46 6.03
C SER A 340 -7.39 12.18 6.66
N VAL A 341 -6.35 11.46 7.08
CA VAL A 341 -5.06 12.11 7.49
C VAL A 341 -4.81 13.35 6.61
N VAL A 342 -4.97 13.15 5.30
CA VAL A 342 -4.68 14.19 4.33
C VAL A 342 -5.67 15.35 4.39
N LEU A 343 -6.92 15.05 4.72
CA LEU A 343 -7.92 16.09 4.83
C LEU A 343 -7.49 17.08 5.90
N LEU A 344 -7.24 16.53 7.06
CA LEU A 344 -6.73 17.31 8.17
C LEU A 344 -5.46 18.17 7.86
N LEU A 345 -4.65 17.74 6.90
CA LEU A 345 -3.46 18.50 6.52
C LEU A 345 -3.86 19.68 5.69
N ARG A 346 -4.90 19.54 4.89
CA ARG A 346 -5.44 20.68 4.14
C ARG A 346 -5.95 21.82 5.05
N LEU A 347 -6.44 21.44 6.22
CA LEU A 347 -6.90 22.38 7.22
C LEU A 347 -5.73 23.13 7.82
N ALA A 348 -4.76 22.37 8.29
CA ALA A 348 -3.52 22.96 8.79
C ALA A 348 -2.77 23.80 7.74
N LYS A 349 -2.82 23.44 6.45
CA LYS A 349 -2.04 24.24 5.50
C LYS A 349 -2.78 25.51 5.25
N THR A 350 -4.11 25.44 5.27
CA THR A 350 -4.97 26.61 5.08
C THR A 350 -4.89 27.54 6.28
N TYR A 351 -4.97 26.97 7.48
CA TYR A 351 -4.72 27.71 8.74
C TYR A 351 -3.38 28.45 8.68
N GLU A 352 -2.28 27.70 8.79
CA GLU A 352 -0.93 28.20 8.50
C GLU A 352 -0.93 29.40 7.56
N THR A 353 -1.50 29.24 6.37
CA THR A 353 -1.45 30.28 5.34
C THR A 353 -2.14 31.56 5.81
N THR A 354 -3.23 31.45 6.61
CA THR A 354 -3.89 32.66 7.11
C THR A 354 -2.96 33.38 8.10
N LEU A 355 -2.69 32.81 9.28
CA LEU A 355 -1.69 33.41 10.20
C LEU A 355 -0.47 34.09 9.51
N GLU A 356 0.08 33.50 8.44
CA GLU A 356 1.14 34.17 7.64
C GLU A 356 0.71 35.49 7.06
N LYS A 357 -0.57 35.61 6.69
CA LYS A 357 -1.14 36.90 6.33
C LYS A 357 -1.57 37.70 7.56
N CYS A 358 -2.35 37.07 8.46
CA CYS A 358 -3.05 37.81 9.54
C CYS A 358 -2.22 38.22 10.76
N CYS A 359 -1.22 37.45 11.14
CA CYS A 359 -0.30 37.93 12.19
C CYS A 359 0.56 39.14 11.73
N ALA A 360 0.69 39.35 10.43
CA ALA A 360 1.44 40.46 9.88
C ALA A 360 0.54 41.62 9.44
N ALA A 361 -0.75 41.54 9.78
CA ALA A 361 -1.75 42.51 9.35
C ALA A 361 -2.18 43.42 10.50
N ALA A 362 -2.90 44.48 10.12
CA ALA A 362 -3.26 45.61 11.00
C ALA A 362 -4.09 45.15 12.21
N ASP A 363 -5.25 44.59 11.92
CA ASP A 363 -6.02 43.89 12.92
C ASP A 363 -5.79 42.41 12.63
N PRO A 364 -5.00 41.72 13.48
CA PRO A 364 -5.00 40.26 13.39
C PRO A 364 -6.34 39.65 13.77
N HIS A 365 -6.80 39.83 15.02
CA HIS A 365 -8.06 39.20 15.51
C HIS A 365 -9.22 39.27 14.52
N GLU A 366 -9.28 40.33 13.73
CA GLU A 366 -10.36 40.52 12.76
C GLU A 366 -10.05 40.00 11.36
N CYS A 367 -8.79 40.04 10.93
CA CYS A 367 -8.35 39.37 9.69
C CYS A 367 -8.62 37.83 9.66
N TYR A 368 -8.72 37.20 10.85
CA TYR A 368 -8.84 35.76 10.93
C TYR A 368 -9.98 35.16 11.73
N ALA A 369 -10.91 35.97 12.24
CA ALA A 369 -12.04 35.43 13.03
C ALA A 369 -12.91 34.48 12.19
N LYS A 370 -13.05 34.79 10.90
CA LYS A 370 -13.73 33.93 9.92
C LYS A 370 -12.73 32.98 9.20
N VAL A 371 -12.18 31.99 9.92
CA VAL A 371 -11.19 31.03 9.34
C VAL A 371 -11.69 29.59 9.30
N PHE A 372 -12.35 29.11 10.36
CA PHE A 372 -13.02 27.81 10.32
C PHE A 372 -14.13 27.82 9.27
N ASP A 373 -14.62 29.00 8.91
CA ASP A 373 -15.42 29.15 7.69
C ASP A 373 -14.69 28.60 6.48
N GLU A 374 -13.42 28.94 6.33
CA GLU A 374 -12.65 28.45 5.18
C GLU A 374 -12.53 26.91 5.06
N PHE A 375 -12.70 26.20 6.18
CA PHE A 375 -12.69 24.72 6.26
C PHE A 375 -13.94 24.02 5.72
N LYS A 376 -15.10 24.59 6.02
CA LYS A 376 -16.39 24.11 5.53
C LYS A 376 -16.27 23.41 4.13
N PRO A 377 -15.91 24.14 3.04
CA PRO A 377 -15.80 23.52 1.71
C PRO A 377 -14.72 22.42 1.56
N LEU A 378 -13.61 22.56 2.28
CA LEU A 378 -12.53 21.57 2.26
C LEU A 378 -12.95 20.22 2.81
N VAL A 379 -13.81 20.25 3.83
CA VAL A 379 -14.33 19.02 4.41
C VAL A 379 -15.40 18.37 3.53
N GLU A 380 -16.15 19.16 2.75
CA GLU A 380 -17.28 18.63 1.95
C GLU A 380 -16.89 17.99 0.62
N GLU A 381 -15.87 18.54 -0.05
CA GLU A 381 -15.36 17.94 -1.30
C GLU A 381 -15.15 16.45 -1.15
N PRO A 382 -14.26 15.99 -0.24
CA PRO A 382 -14.13 14.53 -0.13
C PRO A 382 -15.44 13.83 0.34
N GLN A 383 -16.13 14.39 1.32
CA GLN A 383 -17.43 13.85 1.78
C GLN A 383 -18.45 13.64 0.64
N ASN A 384 -18.50 14.55 -0.32
CA ASN A 384 -19.51 14.51 -1.37
C ASN A 384 -19.27 13.43 -2.41
N LEU A 385 -18.03 13.37 -2.91
CA LEU A 385 -17.62 12.36 -3.90
C LEU A 385 -17.87 10.95 -3.34
N ILE A 386 -17.49 10.73 -2.08
CA ILE A 386 -17.86 9.52 -1.34
C ILE A 386 -19.38 9.23 -1.41
N LYS A 387 -20.23 10.19 -1.06
CA LYS A 387 -21.70 9.96 -1.07
C LYS A 387 -22.13 9.68 -2.49
N GLN A 388 -21.84 10.63 -3.39
CA GLN A 388 -22.11 10.52 -4.84
C GLN A 388 -21.71 9.16 -5.41
N ASN A 389 -20.44 8.80 -5.26
CA ASN A 389 -19.94 7.55 -5.83
C ASN A 389 -20.39 6.29 -5.12
N CYS A 390 -20.43 6.25 -3.79
CA CYS A 390 -21.02 5.09 -3.08
C CYS A 390 -22.52 4.92 -3.32
N GLU A 391 -23.21 5.99 -3.71
CA GLU A 391 -24.61 5.93 -4.20
C GLU A 391 -24.62 5.22 -5.56
N LEU A 392 -23.69 5.62 -6.42
CA LEU A 392 -23.61 5.05 -7.76
C LEU A 392 -23.21 3.57 -7.76
N PHE A 393 -22.23 3.19 -6.96
CA PHE A 393 -21.95 1.77 -6.75
C PHE A 393 -23.17 0.99 -6.19
N GLU A 394 -24.02 1.62 -5.38
CA GLU A 394 -25.27 0.98 -4.91
C GLU A 394 -26.24 0.66 -6.04
N GLN A 395 -26.41 1.60 -6.96
CA GLN A 395 -27.26 1.42 -8.14
C GLN A 395 -26.75 0.26 -9.00
N LEU A 396 -25.56 0.42 -9.57
CA LEU A 396 -24.95 -0.58 -10.46
C LEU A 396 -23.95 -1.30 -9.60
N GLY A 397 -23.96 -2.64 -9.60
CA GLY A 397 -22.98 -3.41 -8.80
C GLY A 397 -21.52 -3.17 -9.17
N GLU A 398 -20.59 -3.83 -8.48
CA GLU A 398 -19.12 -3.61 -8.70
C GLU A 398 -18.76 -3.51 -10.19
N TYR A 399 -19.32 -4.42 -10.98
CA TYR A 399 -19.00 -4.53 -12.41
C TYR A 399 -19.58 -3.36 -13.24
N LYS A 400 -20.89 -3.19 -13.29
CA LYS A 400 -21.49 -2.06 -14.05
C LYS A 400 -20.84 -0.70 -13.68
N PHE A 401 -20.59 -0.53 -12.39
CA PHE A 401 -19.80 0.59 -11.86
C PHE A 401 -18.39 0.68 -12.45
N GLN A 402 -17.70 -0.45 -12.58
CA GLN A 402 -16.32 -0.40 -13.08
C GLN A 402 -16.35 0.22 -14.47
N ASN A 403 -17.41 -0.11 -15.18
CA ASN A 403 -17.59 0.36 -16.51
C ASN A 403 -18.00 1.83 -16.49
N ALA A 404 -18.69 2.28 -15.46
CA ALA A 404 -18.97 3.71 -15.34
C ALA A 404 -17.65 4.47 -15.28
N LEU A 405 -16.78 4.04 -14.38
CA LEU A 405 -15.45 4.66 -14.20
C LEU A 405 -14.56 4.54 -15.46
N LEU A 406 -14.71 3.42 -16.14
CA LEU A 406 -13.87 3.10 -17.27
C LEU A 406 -14.18 4.06 -18.39
N VAL A 407 -15.46 4.35 -18.57
CA VAL A 407 -15.86 5.47 -19.40
C VAL A 407 -15.31 6.81 -18.86
N ARG A 408 -15.61 7.14 -17.60
CA ARG A 408 -15.15 8.41 -16.96
C ARG A 408 -13.75 8.84 -17.25
N TYR A 409 -12.80 7.95 -17.00
CA TYR A 409 -11.39 8.24 -17.02
C TYR A 409 -10.75 8.13 -18.43
N THR A 410 -11.24 7.19 -19.23
CA THR A 410 -10.91 7.14 -20.63
C THR A 410 -11.23 8.44 -21.33
N LYS A 411 -12.35 9.07 -20.99
CA LYS A 411 -12.68 10.43 -21.45
C LYS A 411 -11.69 11.50 -20.96
N LYS A 412 -11.38 11.45 -19.66
CA LYS A 412 -10.48 12.42 -19.03
C LYS A 412 -9.06 12.29 -19.57
N VAL A 413 -8.54 11.06 -19.64
CA VAL A 413 -7.15 10.81 -20.10
C VAL A 413 -7.08 9.76 -21.17
N PRO A 414 -7.51 10.12 -22.39
CA PRO A 414 -7.62 9.08 -23.39
C PRO A 414 -6.28 8.50 -23.84
N GLN A 415 -5.17 9.17 -23.53
CA GLN A 415 -3.86 8.82 -24.06
C GLN A 415 -3.28 7.60 -23.30
N VAL A 416 -3.87 7.28 -22.16
CA VAL A 416 -3.40 6.15 -21.40
C VAL A 416 -3.47 4.85 -22.20
N SER A 417 -2.54 3.94 -21.92
CA SER A 417 -2.59 2.53 -22.36
C SER A 417 -3.93 1.92 -21.99
N THR A 418 -4.50 1.12 -22.87
CA THR A 418 -5.85 0.67 -22.65
C THR A 418 -5.89 -0.28 -21.47
N PRO A 419 -4.91 -1.23 -21.41
CA PRO A 419 -4.86 -2.09 -20.21
C PRO A 419 -4.78 -1.26 -18.95
N THR A 420 -3.86 -0.31 -18.94
CA THR A 420 -3.69 0.53 -17.78
C THR A 420 -5.05 1.10 -17.37
N LEU A 421 -5.83 1.62 -18.32
CA LEU A 421 -7.18 2.14 -18.03
C LEU A 421 -8.12 1.09 -17.40
N VAL A 422 -8.06 -0.13 -17.91
CA VAL A 422 -8.90 -1.23 -17.41
C VAL A 422 -8.52 -1.62 -15.96
N GLU A 423 -7.23 -1.83 -15.71
CA GLU A 423 -6.74 -2.22 -14.37
C GLU A 423 -7.17 -1.24 -13.27
N VAL A 424 -7.10 0.06 -13.54
CA VAL A 424 -7.37 1.04 -12.48
C VAL A 424 -8.86 1.21 -12.27
N SER A 425 -9.64 1.17 -13.36
CA SER A 425 -11.09 1.21 -13.26
C SER A 425 -11.52 -0.01 -12.53
N ARG A 426 -11.00 -1.15 -12.93
CA ARG A 426 -11.19 -2.39 -12.17
C ARG A 426 -10.85 -2.25 -10.67
N ASN A 427 -9.65 -1.75 -10.38
CA ASN A 427 -9.14 -1.62 -9.00
C ASN A 427 -9.92 -0.63 -8.19
N LEU A 428 -10.14 0.57 -8.75
CA LEU A 428 -11.01 1.56 -8.13
C LEU A 428 -12.35 0.91 -7.77
N GLY A 429 -13.04 0.39 -8.76
CA GLY A 429 -14.27 -0.36 -8.53
C GLY A 429 -14.25 -1.16 -7.24
N LYS A 430 -13.20 -1.96 -7.07
CA LYS A 430 -13.04 -2.85 -5.89
C LYS A 430 -13.01 -2.03 -4.59
N VAL A 431 -12.37 -0.88 -4.64
CA VAL A 431 -12.33 -0.02 -3.47
C VAL A 431 -13.77 0.31 -3.10
N GLY A 432 -14.55 0.74 -4.09
CA GLY A 432 -15.97 0.95 -3.90
C GLY A 432 -16.65 -0.16 -3.11
N SER A 433 -16.36 -1.41 -3.46
CA SER A 433 -16.96 -2.54 -2.74
C SER A 433 -16.48 -2.56 -1.29
N LYS A 434 -15.17 -2.46 -1.12
CA LYS A 434 -14.58 -2.50 0.20
C LYS A 434 -15.16 -1.35 1.06
N CYS A 435 -14.97 -0.10 0.63
CA CYS A 435 -15.21 1.07 1.53
C CYS A 435 -16.63 1.50 1.69
N CYS A 436 -17.45 1.35 0.65
CA CYS A 436 -18.85 1.70 0.75
C CYS A 436 -19.71 0.85 1.72
N LYS A 437 -19.28 -0.38 2.03
CA LYS A 437 -19.93 -1.20 3.08
C LYS A 437 -19.71 -0.68 4.51
N HIS A 438 -18.86 0.33 4.70
CA HIS A 438 -18.72 1.02 5.99
C HIS A 438 -19.71 2.20 6.10
N PRO A 439 -20.00 2.67 7.34
CA PRO A 439 -20.81 3.88 7.51
C PRO A 439 -20.03 5.13 7.18
N GLU A 440 -20.70 6.28 7.22
CA GLU A 440 -20.08 7.58 6.82
C GLU A 440 -18.96 8.01 7.77
N ALA A 441 -19.17 7.83 9.07
CA ALA A 441 -18.11 8.09 10.05
C ALA A 441 -16.83 7.25 9.87
N LYS A 442 -16.81 6.31 8.90
CA LYS A 442 -15.69 5.38 8.69
C LYS A 442 -15.18 5.22 7.27
N ARG A 443 -15.71 5.98 6.32
CA ARG A 443 -15.42 5.76 4.89
C ARG A 443 -14.18 6.49 4.42
N MET A 444 -14.04 7.75 4.84
CA MET A 444 -13.02 8.64 4.28
C MET A 444 -11.59 8.21 4.53
N PRO A 445 -11.31 7.53 5.66
CA PRO A 445 -9.98 6.91 5.88
C PRO A 445 -9.73 5.71 4.97
N CYS A 446 -10.57 4.69 5.07
CA CYS A 446 -10.59 3.55 4.13
C CYS A 446 -10.19 3.95 2.68
N ALA A 447 -10.69 5.10 2.20
CA ALA A 447 -10.58 5.45 0.79
C ALA A 447 -9.27 6.11 0.53
N GLU A 448 -8.87 6.96 1.45
CA GLU A 448 -7.52 7.52 1.45
C GLU A 448 -6.54 6.35 1.35
N ASP A 449 -6.73 5.41 2.29
CA ASP A 449 -5.99 4.15 2.37
C ASP A 449 -5.75 3.59 1.00
N TYR A 450 -6.84 3.27 0.31
CA TYR A 450 -6.74 2.57 -0.97
C TYR A 450 -6.28 3.48 -2.12
N LEU A 451 -7.09 4.50 -2.43
CA LEU A 451 -6.72 5.45 -3.43
C LEU A 451 -5.23 5.74 -3.42
N SER A 452 -4.64 5.95 -2.24
CA SER A 452 -3.24 6.35 -2.19
C SER A 452 -2.30 5.37 -2.88
N VAL A 453 -2.57 4.06 -2.70
CA VAL A 453 -1.75 3.03 -3.36
C VAL A 453 -2.02 2.94 -4.84
N VAL A 454 -3.29 2.85 -5.21
CA VAL A 454 -3.66 2.92 -6.60
C VAL A 454 -2.99 4.16 -7.24
N LEU A 455 -3.22 5.32 -6.64
CA LEU A 455 -2.73 6.57 -7.19
C LEU A 455 -1.24 6.57 -7.35
N ASN A 456 -0.54 5.92 -6.44
CA ASN A 456 0.89 5.74 -6.62
C ASN A 456 1.19 4.77 -7.77
N GLN A 457 0.65 3.55 -7.71
CA GLN A 457 0.86 2.56 -8.80
C GLN A 457 0.72 3.18 -10.19
N LEU A 458 -0.39 3.86 -10.36
CA LEU A 458 -0.65 4.78 -11.48
C LEU A 458 0.56 5.60 -11.88
N CYS A 459 1.14 6.27 -10.88
CA CYS A 459 2.20 7.23 -11.11
C CYS A 459 3.56 6.62 -11.29
N VAL A 460 3.73 5.34 -10.96
CA VAL A 460 5.01 4.68 -11.21
C VAL A 460 5.06 4.28 -12.67
N LEU A 461 4.00 3.59 -13.12
CA LEU A 461 3.79 3.28 -14.54
C LEU A 461 4.01 4.51 -15.38
N HIS A 462 3.38 5.60 -14.97
CA HIS A 462 3.51 6.88 -15.66
C HIS A 462 4.93 7.40 -15.62
N GLU A 463 5.59 7.32 -14.46
CA GLU A 463 7.01 7.71 -14.32
C GLU A 463 7.84 7.01 -15.41
N LYS A 464 7.65 5.72 -15.53
CA LYS A 464 8.41 4.91 -16.46
C LYS A 464 8.13 5.30 -17.94
N THR A 465 6.85 5.27 -18.32
CA THR A 465 6.43 5.50 -19.71
C THR A 465 5.41 6.64 -19.77
N PRO A 466 5.88 7.90 -19.68
CA PRO A 466 4.98 9.05 -19.61
C PRO A 466 4.03 9.16 -20.79
N VAL A 467 2.83 9.68 -20.53
CA VAL A 467 1.73 9.75 -21.51
C VAL A 467 0.86 11.04 -21.40
N SER A 468 1.03 11.87 -20.36
CA SER A 468 0.12 13.02 -20.11
C SER A 468 0.70 14.00 -19.07
N ASP A 469 1.06 15.21 -19.53
CA ASP A 469 1.42 16.37 -18.68
C ASP A 469 0.57 16.61 -17.43
N ARG A 470 -0.73 16.38 -17.58
CA ARG A 470 -1.72 16.64 -16.55
C ARG A 470 -1.62 15.60 -15.44
N VAL A 471 -1.24 14.37 -15.81
CA VAL A 471 -1.01 13.29 -14.85
C VAL A 471 0.27 13.59 -14.13
N THR A 472 1.33 13.77 -14.90
CA THR A 472 2.62 14.18 -14.34
C THR A 472 2.44 15.25 -13.27
N LYS A 473 1.61 16.27 -13.51
CA LYS A 473 1.31 17.31 -12.49
C LYS A 473 0.92 16.70 -11.13
N CYS A 474 -0.02 15.75 -11.13
CA CYS A 474 -0.54 15.17 -9.89
C CYS A 474 0.50 14.34 -9.16
N CYS A 475 1.10 13.42 -9.88
CA CYS A 475 2.18 12.60 -9.37
C CYS A 475 3.39 13.43 -8.89
N THR A 476 3.65 14.60 -9.49
CA THR A 476 4.72 15.52 -9.01
C THR A 476 4.13 16.71 -8.24
N GLU A 477 3.21 16.41 -7.32
CA GLU A 477 2.73 17.39 -6.36
C GLU A 477 2.76 16.70 -5.00
N SER A 478 2.50 17.49 -3.97
CA SER A 478 2.39 17.00 -2.60
C SER A 478 1.38 15.86 -2.51
N LEU A 479 1.72 14.86 -1.70
CA LEU A 479 0.79 13.78 -1.37
C LEU A 479 -0.51 14.28 -0.73
N VAL A 480 -0.52 15.53 -0.28
CA VAL A 480 -1.73 16.18 0.17
C VAL A 480 -2.65 16.59 -0.99
N ASN A 481 -2.08 17.23 -2.01
CA ASN A 481 -2.83 17.68 -3.20
C ASN A 481 -3.04 16.61 -4.26
N ARG A 482 -2.43 15.43 -4.09
CA ARG A 482 -2.45 14.38 -5.11
C ARG A 482 -3.86 14.04 -5.58
N ARG A 483 -4.71 13.55 -4.68
CA ARG A 483 -6.08 13.10 -5.04
C ARG A 483 -6.93 14.22 -5.69
N PRO A 484 -6.86 15.45 -5.16
CA PRO A 484 -7.70 16.50 -5.76
C PRO A 484 -7.33 16.80 -7.17
N CYS A 485 -6.02 16.89 -7.43
CA CYS A 485 -5.46 17.10 -8.78
C CYS A 485 -6.07 16.14 -9.77
N PHE A 486 -6.25 14.87 -9.35
CA PHE A 486 -6.90 13.81 -10.18
C PHE A 486 -8.37 14.12 -10.31
N SER A 487 -9.04 14.39 -9.19
CA SER A 487 -10.45 14.78 -9.21
C SER A 487 -10.68 16.01 -10.10
N ALA A 488 -9.69 16.88 -10.19
CA ALA A 488 -9.77 18.10 -11.04
C ALA A 488 -9.65 17.84 -12.54
N LEU A 489 -9.32 16.62 -12.94
CA LEU A 489 -9.12 16.35 -14.33
C LEU A 489 -10.46 16.47 -15.02
N GLU A 490 -10.44 17.06 -16.22
CA GLU A 490 -11.63 17.22 -17.02
C GLU A 490 -11.54 16.37 -18.27
N VAL A 491 -12.69 16.13 -18.89
CA VAL A 491 -12.74 15.53 -20.22
C VAL A 491 -11.74 16.22 -21.18
N ASP A 492 -10.87 15.43 -21.84
CA ASP A 492 -9.90 15.98 -22.79
C ASP A 492 -10.63 16.35 -24.06
N GLU A 493 -10.96 17.65 -24.22
CA GLU A 493 -11.67 18.15 -25.41
C GLU A 493 -10.77 18.28 -26.66
N THR A 494 -9.45 18.31 -26.47
CA THR A 494 -8.47 18.18 -27.58
C THR A 494 -8.50 16.83 -28.33
N TYR A 495 -8.63 15.73 -27.60
CA TYR A 495 -8.40 14.36 -28.15
C TYR A 495 -8.94 14.13 -29.56
N VAL A 496 -8.05 13.62 -30.42
CA VAL A 496 -8.46 13.13 -31.74
C VAL A 496 -8.81 11.67 -31.54
N PRO A 497 -9.97 11.23 -32.04
CA PRO A 497 -10.32 9.81 -31.92
C PRO A 497 -9.41 8.85 -32.69
N LYS A 498 -9.35 7.59 -32.28
CA LYS A 498 -8.47 6.65 -32.96
C LYS A 498 -9.14 6.08 -34.20
N GLU A 499 -8.32 5.90 -35.24
CA GLU A 499 -8.68 5.18 -36.45
C GLU A 499 -9.44 3.91 -36.04
N PHE A 500 -10.63 3.72 -36.61
CA PHE A 500 -11.43 2.52 -36.39
C PHE A 500 -10.61 1.28 -36.72
N ASN A 501 -10.78 0.21 -35.92
CA ASN A 501 -10.15 -1.08 -36.22
C ASN A 501 -11.12 -2.23 -36.24
N ALA A 502 -11.11 -2.95 -37.35
CA ALA A 502 -12.06 -4.02 -37.57
C ALA A 502 -11.85 -5.07 -36.51
N GLU A 503 -10.59 -5.49 -36.37
CA GLU A 503 -10.20 -6.58 -35.49
C GLU A 503 -10.60 -6.26 -34.05
N THR A 504 -10.50 -4.99 -33.66
CA THR A 504 -10.79 -4.60 -32.28
C THR A 504 -12.25 -4.86 -31.87
N PHE A 505 -13.17 -4.82 -32.84
CA PHE A 505 -14.56 -5.06 -32.54
C PHE A 505 -15.07 -6.39 -33.07
N THR A 506 -14.17 -7.22 -33.61
CA THR A 506 -14.47 -8.63 -33.90
C THR A 506 -14.39 -9.50 -32.64
N PHE A 507 -15.39 -10.36 -32.46
CA PHE A 507 -15.44 -11.30 -31.35
C PHE A 507 -15.73 -12.73 -31.86
N HIS A 508 -15.24 -13.70 -31.08
CA HIS A 508 -15.31 -15.11 -31.46
C HIS A 508 -16.00 -15.84 -30.30
N ALA A 509 -16.46 -17.06 -30.56
CA ALA A 509 -17.21 -17.83 -29.56
C ALA A 509 -16.38 -18.31 -28.35
N ASP A 510 -15.05 -18.17 -28.41
CA ASP A 510 -14.14 -18.36 -27.24
C ASP A 510 -14.52 -17.59 -25.96
N ILE A 511 -15.23 -16.46 -26.07
CA ILE A 511 -15.60 -15.65 -24.88
C ILE A 511 -16.68 -16.32 -24.04
N CYS A 512 -17.50 -17.16 -24.68
CA CYS A 512 -18.52 -17.90 -23.97
C CYS A 512 -17.90 -18.97 -23.07
N THR A 513 -16.72 -19.47 -23.48
CA THR A 513 -15.95 -20.43 -22.68
C THR A 513 -15.37 -19.73 -21.42
N LEU A 514 -14.49 -18.74 -21.64
CA LEU A 514 -13.83 -17.90 -20.60
C LEU A 514 -14.60 -17.61 -19.27
N SER A 515 -13.84 -17.51 -18.17
CA SER A 515 -14.41 -17.19 -16.82
C SER A 515 -14.99 -15.78 -16.76
N GLU A 516 -16.00 -15.55 -15.92
CA GLU A 516 -16.61 -14.22 -15.79
C GLU A 516 -15.57 -13.10 -15.65
N LYS A 517 -14.41 -13.39 -15.02
CA LYS A 517 -13.31 -12.42 -14.95
C LYS A 517 -12.80 -12.23 -16.35
N GLU A 518 -12.35 -13.33 -16.94
CA GLU A 518 -11.79 -13.32 -18.29
C GLU A 518 -12.69 -12.56 -19.31
N ARG A 519 -13.96 -12.95 -19.38
CA ARG A 519 -14.99 -12.26 -20.19
C ARG A 519 -15.01 -10.74 -19.99
N GLN A 520 -15.10 -10.37 -18.71
CA GLN A 520 -15.22 -8.98 -18.31
C GLN A 520 -14.03 -8.19 -18.79
N ILE A 521 -12.83 -8.74 -18.62
CA ILE A 521 -11.64 -8.06 -19.14
C ILE A 521 -11.76 -7.87 -20.65
N LYS A 522 -12.26 -8.88 -21.37
CA LYS A 522 -12.44 -8.76 -22.83
C LYS A 522 -13.41 -7.64 -23.14
N LYS A 523 -14.59 -7.71 -22.52
CA LYS A 523 -15.64 -6.69 -22.73
C LYS A 523 -15.12 -5.27 -22.47
N GLN A 524 -14.43 -5.13 -21.34
CA GLN A 524 -13.97 -3.84 -20.83
C GLN A 524 -12.87 -3.22 -21.68
N THR A 525 -12.00 -4.01 -22.31
CA THR A 525 -11.03 -3.44 -23.22
C THR A 525 -11.74 -2.80 -24.42
N ALA A 526 -12.82 -3.46 -24.83
CA ALA A 526 -13.64 -3.02 -25.96
C ALA A 526 -14.26 -1.68 -25.69
N LEU A 527 -14.86 -1.57 -24.52
CA LEU A 527 -15.55 -0.36 -24.05
C LEU A 527 -14.65 0.84 -24.04
N VAL A 528 -13.41 0.66 -23.59
CA VAL A 528 -12.39 1.70 -23.65
C VAL A 528 -12.12 2.03 -25.10
N GLU A 529 -11.76 1.02 -25.86
CA GLU A 529 -11.41 1.20 -27.27
C GLU A 529 -12.51 1.91 -28.07
N LEU A 530 -13.77 1.60 -27.68
CA LEU A 530 -14.98 2.26 -28.15
C LEU A 530 -15.00 3.70 -27.73
N VAL A 531 -14.76 3.93 -26.45
CA VAL A 531 -14.72 5.30 -25.96
C VAL A 531 -13.63 6.08 -26.72
N LYS A 532 -12.45 5.48 -26.87
CA LYS A 532 -11.35 6.14 -27.57
C LYS A 532 -11.64 6.32 -29.05
N HIS A 533 -12.47 5.47 -29.65
CA HIS A 533 -12.87 5.67 -31.05
C HIS A 533 -13.99 6.71 -31.28
N LYS A 534 -14.99 6.72 -30.42
CA LYS A 534 -16.02 7.77 -30.46
C LYS A 534 -16.22 8.40 -29.07
N PRO A 535 -15.30 9.30 -28.71
CA PRO A 535 -15.40 9.95 -27.42
C PRO A 535 -16.58 10.89 -27.32
N LYS A 536 -16.99 11.52 -28.42
CA LYS A 536 -18.06 12.52 -28.36
C LYS A 536 -19.41 11.86 -28.13
N ALA A 537 -19.39 10.65 -27.56
CA ALA A 537 -20.57 9.80 -27.48
C ALA A 537 -21.22 9.92 -26.11
N THR A 538 -22.55 9.94 -26.11
CA THR A 538 -23.35 10.17 -24.90
C THR A 538 -23.53 8.90 -24.12
N LYS A 539 -23.74 9.03 -22.81
CA LYS A 539 -24.09 7.88 -21.96
C LYS A 539 -25.26 7.11 -22.56
N GLU A 540 -26.31 7.83 -22.95
CA GLU A 540 -27.47 7.22 -23.63
C GLU A 540 -27.08 6.36 -24.85
N GLN A 541 -26.43 7.00 -25.82
CA GLN A 541 -25.83 6.35 -26.98
C GLN A 541 -24.91 5.15 -26.62
N LEU A 542 -24.19 5.27 -25.51
CA LEU A 542 -23.30 4.24 -25.03
C LEU A 542 -24.06 3.08 -24.42
N LYS A 543 -25.01 3.36 -23.53
CA LYS A 543 -25.87 2.30 -22.94
C LYS A 543 -26.62 1.59 -24.06
N ALA A 544 -26.96 2.32 -25.13
CA ALA A 544 -27.55 1.70 -26.33
C ALA A 544 -26.64 0.62 -26.91
N VAL A 545 -25.43 1.01 -27.34
CA VAL A 545 -24.46 0.09 -27.96
C VAL A 545 -24.08 -1.04 -26.99
N MET A 546 -23.80 -0.70 -25.76
CA MET A 546 -23.52 -1.70 -24.72
C MET A 546 -24.64 -2.73 -24.55
N ASP A 547 -25.90 -2.31 -24.62
CA ASP A 547 -27.03 -3.27 -24.48
C ASP A 547 -27.16 -4.20 -25.69
N ASP A 548 -26.85 -3.68 -26.87
CA ASP A 548 -26.86 -4.48 -28.10
C ASP A 548 -25.77 -5.53 -28.04
N PHE A 549 -24.56 -5.08 -27.73
CA PHE A 549 -23.45 -5.98 -27.57
C PHE A 549 -23.85 -7.08 -26.61
N ALA A 550 -24.46 -6.71 -25.49
CA ALA A 550 -24.85 -7.68 -24.47
C ALA A 550 -25.88 -8.68 -24.97
N ALA A 551 -26.81 -8.26 -25.80
CA ALA A 551 -27.81 -9.18 -26.34
C ALA A 551 -27.16 -10.10 -27.39
N PHE A 552 -26.60 -9.49 -28.43
CA PHE A 552 -25.68 -10.17 -29.36
C PHE A 552 -24.93 -11.36 -28.74
N VAL A 553 -24.03 -11.09 -27.79
CA VAL A 553 -23.32 -12.13 -27.03
C VAL A 553 -24.27 -13.26 -26.60
N GLU A 554 -25.26 -12.94 -25.79
CA GLU A 554 -26.17 -13.95 -25.26
C GLU A 554 -27.08 -14.60 -26.32
N LYS A 555 -27.15 -14.03 -27.53
CA LYS A 555 -27.73 -14.72 -28.70
C LYS A 555 -26.79 -15.81 -29.24
N CYS A 556 -25.59 -15.43 -29.67
CA CYS A 556 -24.60 -16.37 -30.21
C CYS A 556 -24.01 -17.39 -29.20
N CYS A 557 -24.14 -17.15 -27.89
CA CYS A 557 -23.74 -18.15 -26.88
C CYS A 557 -24.97 -18.92 -26.31
N LYS A 558 -26.10 -18.92 -27.04
CA LYS A 558 -27.24 -19.85 -26.80
C LYS A 558 -27.73 -20.44 -28.15
N ALA A 559 -26.76 -20.64 -29.07
CA ALA A 559 -26.99 -20.98 -30.48
C ALA A 559 -26.10 -22.14 -30.99
N ASP A 560 -26.72 -23.06 -31.74
CA ASP A 560 -26.00 -24.06 -32.55
C ASP A 560 -25.16 -23.27 -33.57
N ASP A 561 -23.93 -23.69 -33.86
CA ASP A 561 -23.02 -22.97 -34.80
C ASP A 561 -22.69 -21.59 -34.26
N LYS A 562 -22.03 -21.57 -33.10
CA LYS A 562 -21.67 -20.33 -32.41
C LYS A 562 -20.77 -19.42 -33.29
N GLU A 563 -19.64 -19.95 -33.75
CA GLU A 563 -18.64 -19.17 -34.49
C GLU A 563 -19.19 -18.33 -35.65
N THR A 564 -20.08 -18.91 -36.46
CA THR A 564 -20.61 -18.22 -37.66
C THR A 564 -21.70 -17.18 -37.30
N CYS A 565 -22.28 -17.28 -36.10
CA CYS A 565 -23.18 -16.24 -35.58
C CYS A 565 -22.39 -14.99 -35.25
N PHE A 566 -21.38 -15.15 -34.40
CA PHE A 566 -20.39 -14.09 -34.08
C PHE A 566 -19.80 -13.37 -35.27
N ALA A 567 -19.52 -14.06 -36.37
CA ALA A 567 -19.09 -13.37 -37.60
C ALA A 567 -20.25 -12.57 -38.28
N GLU A 568 -21.46 -13.15 -38.28
CA GLU A 568 -22.63 -12.58 -38.97
C GLU A 568 -23.37 -11.48 -38.17
N GLU A 569 -23.89 -11.83 -37.00
CA GLU A 569 -24.50 -10.85 -36.10
C GLU A 569 -23.54 -9.74 -35.74
N GLY A 570 -22.30 -10.09 -35.41
CA GLY A 570 -21.25 -9.08 -35.20
C GLY A 570 -21.04 -8.14 -36.40
N LYS A 571 -21.16 -8.65 -37.62
CA LYS A 571 -21.09 -7.78 -38.78
C LYS A 571 -22.15 -6.70 -38.65
N LYS A 572 -23.36 -7.09 -38.22
CA LYS A 572 -24.48 -6.14 -38.01
C LYS A 572 -24.20 -5.10 -36.90
N LEU A 573 -23.98 -5.58 -35.67
CA LEU A 573 -23.57 -4.74 -34.50
C LEU A 573 -22.65 -3.61 -34.81
N VAL A 574 -21.58 -3.90 -35.52
CA VAL A 574 -20.59 -2.89 -35.82
C VAL A 574 -21.16 -1.87 -36.77
N ALA A 575 -21.80 -2.32 -37.84
CA ALA A 575 -22.35 -1.36 -38.80
C ALA A 575 -23.43 -0.47 -38.15
N ALA A 576 -24.30 -1.09 -37.36
CA ALA A 576 -25.40 -0.42 -36.67
C ALA A 576 -24.93 0.50 -35.55
N SER A 577 -23.75 0.24 -35.01
CA SER A 577 -23.17 1.07 -33.99
C SER A 577 -22.48 2.17 -34.72
N GLN A 578 -21.56 1.80 -35.60
CA GLN A 578 -20.90 2.78 -36.45
C GLN A 578 -21.89 3.84 -36.90
N ALA A 579 -23.09 3.41 -37.27
CA ALA A 579 -24.22 4.31 -37.59
C ALA A 579 -24.63 5.25 -36.42
N ALA A 580 -25.33 4.70 -35.42
CA ALA A 580 -25.79 5.47 -34.23
C ALA A 580 -24.78 6.50 -33.74
N LEU A 581 -23.50 6.13 -33.77
CA LEU A 581 -22.42 7.05 -33.44
C LEU A 581 -21.78 7.49 -34.76
C1 PLM B . 0.47 -15.64 -5.67
O1 PLM B . 0.18 -14.99 -6.71
O2 PLM B . -0.37 -15.73 -4.71
C2 PLM B . 1.87 -16.29 -5.60
C3 PLM B . 1.92 -17.84 -5.40
C4 PLM B . 2.68 -18.32 -4.14
C5 PLM B . 2.05 -19.55 -3.44
C6 PLM B . 2.83 -20.04 -2.19
C7 PLM B . 2.28 -19.51 -0.86
C8 PLM B . 3.22 -19.60 0.35
C9 PLM B . 4.03 -18.31 0.57
CA PLM B . 5.04 -18.28 1.73
CB PLM B . 5.23 -16.82 2.20
C1 PLM C . 9.55 -5.99 15.86
O1 PLM C . 9.28 -5.88 14.65
O2 PLM C . 8.68 -5.97 16.76
C2 PLM C . 10.99 -6.19 16.27
C3 PLM C . 11.26 -7.69 16.33
C4 PLM C . 12.75 -8.01 16.30
C5 PLM C . 13.21 -8.64 14.98
C6 PLM C . 14.55 -9.34 15.19
C7 PLM C . 15.26 -9.60 13.86
C8 PLM C . 16.51 -10.47 14.08
C9 PLM C . 16.77 -11.49 12.97
CA PLM C . 17.98 -11.16 12.06
CB PLM C . 18.69 -12.41 11.52
CC PLM C . 20.07 -12.68 12.13
CD PLM C . 21.22 -12.09 11.30
CE PLM C . 22.33 -13.11 10.97
CF PLM C . 23.29 -13.37 12.15
CG PLM C . 24.48 -14.23 11.76
C1 PLM D . -8.92 12.65 0.74
O1 PLM D . -8.46 13.17 -0.31
O2 PLM D . -9.05 13.33 1.75
C2 PLM D . -9.35 11.20 0.85
C3 PLM D . -10.81 11.07 0.39
C4 PLM D . -10.96 10.34 -0.95
C5 PLM D . -12.24 10.71 -1.72
C6 PLM D . -12.95 9.51 -2.38
C7 PLM D . -13.48 9.70 -3.82
C8 PLM D . -12.97 8.64 -4.82
C9 PLM D . -14.10 7.81 -5.48
CA PLM D . -13.64 6.93 -6.67
CB PLM D . -13.29 5.47 -6.33
CC PLM D . -14.43 4.68 -5.68
CD PLM D . -14.27 4.52 -4.16
CE PLM D . -15.52 4.93 -3.35
CF PLM D . -15.15 5.19 -1.88
C1 PLM E . -12.84 11.89 -8.88
O1 PLM E . -13.09 13.03 -8.38
O2 PLM E . -13.07 11.61 -10.09
C2 PLM E . -12.23 10.81 -8.02
C3 PLM E . -10.74 10.65 -8.36
C4 PLM E . -10.22 9.22 -8.25
C5 PLM E . -8.81 9.12 -8.84
C6 PLM E . -8.73 8.30 -10.13
C7 PLM E . -7.77 8.90 -11.17
C8 PLM E . -7.80 8.08 -12.46
C9 PLM E . -7.37 8.92 -13.67
CA PLM E . -7.08 8.04 -14.91
CB PLM E . -5.66 8.13 -15.47
CC PLM E . -4.87 6.81 -15.31
CD PLM E . -3.37 7.14 -15.36
CE PLM E . -2.48 5.97 -15.78
CF PLM E . -1.04 6.45 -15.90
CG PLM E . -0.08 5.28 -15.93
C1 PLM F . -22.28 -5.84 -20.40
O1 PLM F . -23.49 -6.09 -20.63
O2 PLM F . -21.54 -6.58 -19.71
C2 PLM F . -21.69 -4.55 -20.97
C3 PLM F . -20.44 -4.77 -21.83
C4 PLM F . -20.29 -3.65 -22.88
C5 PLM F . -19.07 -3.86 -23.82
C6 PLM F . -19.15 -2.91 -25.02
C7 PLM F . -18.33 -3.22 -26.28
C8 PLM F . -19.16 -2.86 -27.52
C9 PLM F . -18.34 -2.61 -28.79
CA PLM F . -19.28 -2.55 -30.01
CB PLM F . -18.54 -2.26 -31.33
CC PLM F . -18.93 -0.95 -31.99
CD PLM F . -17.82 -0.25 -32.79
CE PLM F . -18.23 1.19 -33.11
CF PLM F . -17.17 2.00 -33.84
C1 PLM G . 3.46 22.16 2.76
O1 PLM G . 4.38 22.92 2.39
O2 PLM G . 2.41 22.59 3.30
C2 PLM G . 3.60 20.67 2.51
C3 PLM G . 3.84 19.89 3.81
C4 PLM G . 2.58 19.62 4.64
C5 PLM G . 2.55 20.41 5.95
C6 PLM G . 1.13 20.52 6.55
C7 PLM G . 0.98 21.71 7.51
C8 PLM G . 1.30 21.38 8.96
C9 PLM G . 2.75 21.70 9.35
CA PLM G . 3.01 21.48 10.86
CB PLM G . 4.22 20.61 11.19
CC PLM G . 4.01 19.96 12.56
CD PLM G . 5.33 19.60 13.26
CE PLM G . 5.12 18.59 14.40
CF PLM G . 5.56 19.11 15.77
CG PLM G . 5.55 17.99 16.80
C1 7Q8 H . 3.76 -10.91 -0.31
C6 7Q8 H . 4.45 -10.19 -1.31
C7 7Q8 H . 3.00 -12.03 -0.65
C8 7Q8 H . 2.96 -12.50 -1.94
C9 7Q8 H . 3.63 -11.81 -2.93
N1 7Q8 H . 4.37 -10.65 -2.65
C10 7Q8 H . 3.62 -12.25 -4.32
N2 7Q8 H . 4.37 -11.62 -5.14
N3 7Q8 H . 4.65 -12.11 -6.44
C13 7Q8 H . 5.78 -11.78 -6.96
S1 7Q8 H . 6.89 -11.33 -5.90
N4 7Q8 H . 5.91 -11.82 -8.32
C16 7Q8 H . 6.65 -10.84 -9.13
C17 7Q8 H . 5.25 -12.88 -9.09
IN1 7Q8 H . 5.43 -9.62 -4.59
C2 7Q8 H . 5.15 -9.04 -0.95
C3 7Q8 H . 5.17 -8.61 0.37
C4 7Q8 H . 4.49 -9.33 1.35
C5 7Q8 H . 3.79 -10.47 1.00
CL1 7Q8 H . 6.65 -8.55 -6.92
#